data_3N5J
#
_entry.id   3N5J
#
_cell.length_a   111.112
_cell.length_b   111.112
_cell.length_c   78.245
_cell.angle_alpha   90.00
_cell.angle_beta   90.00
_cell.angle_gamma   90.00
#
_symmetry.space_group_name_H-M   'P 41 21 2'
#
loop_
_entity.id
_entity.type
_entity.pdbx_description
1 polymer 'FARNESYL PYROPHOSPHATE SYNTHASE'
2 non-polymer '3-(carboxymethyl)-5,7-dichloro-1H-indole-2-carboxylic acid'
3 non-polymer 'PHOSPHATE ION'
4 water water
#
_entity_poly.entity_id   1
_entity_poly.type   'polypeptide(L)'
_entity_poly.pdbx_seq_one_letter_code
;GPNSDVYAQEKQDFVQHFSQIVRVLTEDEMGHPEIGDAIARLKEVLEYNAIGGKYNRGLTVVVAFRELVEPRKQDADSLQ
RAWTVGWCVELLQAFFLVADDIMDSSLTRRGQICWYQKPGVGLDAINDANLLEACIYRLLKLYCREQPYYLNLIELFLQS
SYQTEIGQTLDLLTAPQGNVDLVRFTEKRYKSIVKYKTAFYSFYLPIAAAMYMAGIDGEKEHANAKKILLEMGEFFQIQD
DYLDLFGDPSVTGKIGTDIQDNKCSWLVVQCLQRATPEQYQILKENYGQKEAEKVARVKALYEELDLPAVFLQYEEDSYS
HIMALIEQYAAPLPPAVFLGLARKIYKRRK
;
_entity_poly.pdbx_strand_id   F
#
# COMPACT_ATOMS: atom_id res chain seq x y z
N ASP A 5 -7.68 12.73 -12.76
CA ASP A 5 -6.70 13.23 -13.76
C ASP A 5 -6.25 12.09 -14.67
N VAL A 6 -4.92 11.91 -14.79
CA VAL A 6 -4.36 10.84 -15.62
C VAL A 6 -4.82 9.48 -15.11
N TYR A 7 -5.22 9.44 -13.84
CA TYR A 7 -5.70 8.23 -13.20
C TYR A 7 -7.19 7.99 -13.52
N ALA A 8 -8.00 9.03 -13.31
CA ALA A 8 -9.44 8.95 -13.56
C ALA A 8 -9.80 8.51 -14.98
N GLN A 9 -9.00 8.92 -15.95
CA GLN A 9 -9.26 8.56 -17.34
C GLN A 9 -8.71 7.18 -17.67
N GLU A 10 -7.54 6.86 -17.13
CA GLU A 10 -6.92 5.57 -17.38
C GLU A 10 -7.53 4.46 -16.52
N LYS A 11 -8.19 4.85 -15.43
CA LYS A 11 -8.81 3.90 -14.52
C LYS A 11 -9.83 2.98 -15.19
N GLN A 12 -10.54 3.50 -16.18
CA GLN A 12 -11.54 2.71 -16.88
C GLN A 12 -10.91 1.50 -17.54
N ASP A 13 -9.94 1.73 -18.42
CA ASP A 13 -9.25 0.66 -19.14
C ASP A 13 -8.58 -0.36 -18.21
N PHE A 14 -8.31 0.08 -16.97
CA PHE A 14 -7.68 -0.76 -15.98
C PHE A 14 -8.69 -1.69 -15.33
N VAL A 15 -9.71 -1.11 -14.72
CA VAL A 15 -10.73 -1.92 -14.07
C VAL A 15 -11.38 -2.90 -15.04
N GLN A 16 -11.58 -2.47 -16.28
CA GLN A 16 -12.22 -3.33 -17.28
C GLN A 16 -11.32 -4.49 -17.71
N HIS A 17 -10.01 -4.34 -17.51
CA HIS A 17 -9.08 -5.39 -17.88
C HIS A 17 -9.14 -6.54 -16.87
N PHE A 18 -9.72 -6.27 -15.71
CA PHE A 18 -9.81 -7.29 -14.69
C PHE A 18 -10.46 -8.57 -15.21
N SER A 19 -11.54 -8.41 -16.00
CA SER A 19 -12.26 -9.54 -16.58
C SER A 19 -11.34 -10.50 -17.34
N GLN A 20 -10.39 -9.95 -18.09
CA GLN A 20 -9.49 -10.81 -18.85
C GLN A 20 -8.53 -11.50 -17.88
N ILE A 21 -8.11 -10.74 -16.87
CA ILE A 21 -7.20 -11.25 -15.85
C ILE A 21 -7.84 -12.48 -15.21
N VAL A 22 -9.04 -12.30 -14.67
CA VAL A 22 -9.77 -13.39 -14.04
C VAL A 22 -9.96 -14.57 -14.98
N ARG A 23 -10.22 -14.27 -16.25
CA ARG A 23 -10.44 -15.27 -17.26
C ARG A 23 -9.16 -16.07 -17.47
N VAL A 24 -8.07 -15.35 -17.72
CA VAL A 24 -6.80 -16.02 -17.95
C VAL A 24 -6.34 -16.89 -16.79
N LEU A 25 -6.64 -16.47 -15.55
CA LEU A 25 -6.24 -17.22 -14.37
C LEU A 25 -7.13 -18.43 -14.15
N THR A 26 -8.42 -18.27 -14.40
CA THR A 26 -9.33 -19.39 -14.21
C THR A 26 -9.62 -20.08 -15.52
N GLU A 27 -8.56 -20.34 -16.28
CA GLU A 27 -8.72 -20.99 -17.57
C GLU A 27 -7.77 -22.16 -17.74
N ASP A 28 -6.90 -22.37 -16.73
CA ASP A 28 -5.94 -23.47 -16.75
C ASP A 28 -6.71 -24.74 -16.35
N GLU A 29 -7.92 -24.54 -15.82
CA GLU A 29 -8.75 -25.66 -15.40
C GLU A 29 -9.36 -26.36 -16.61
N MET A 30 -9.32 -25.68 -17.76
CA MET A 30 -9.83 -26.24 -19.00
C MET A 30 -9.08 -27.53 -19.31
N GLY A 31 -7.79 -27.54 -18.98
CA GLY A 31 -6.98 -28.73 -19.22
C GLY A 31 -6.96 -29.66 -18.02
N HIS A 32 -7.56 -29.22 -16.92
CA HIS A 32 -7.62 -30.01 -15.69
C HIS A 32 -8.92 -29.76 -14.94
N PRO A 33 -10.05 -30.22 -15.50
CA PRO A 33 -11.38 -30.04 -14.88
C PRO A 33 -11.44 -30.60 -13.45
N GLU A 34 -10.45 -31.43 -13.11
CA GLU A 34 -10.35 -32.04 -11.79
C GLU A 34 -10.29 -30.98 -10.67
N ILE A 35 -9.66 -29.85 -10.96
CA ILE A 35 -9.51 -28.77 -9.99
C ILE A 35 -10.51 -27.65 -10.24
N GLY A 36 -11.52 -27.95 -11.05
CA GLY A 36 -12.52 -26.95 -11.38
C GLY A 36 -13.12 -26.28 -10.17
N ASP A 37 -13.51 -27.09 -9.18
CA ASP A 37 -14.11 -26.57 -7.97
C ASP A 37 -13.14 -25.61 -7.24
N ALA A 38 -11.85 -25.89 -7.33
CA ALA A 38 -10.85 -25.04 -6.68
C ALA A 38 -10.71 -23.76 -7.48
N ILE A 39 -10.76 -23.90 -8.79
CA ILE A 39 -10.64 -22.73 -9.63
C ILE A 39 -11.86 -21.83 -9.44
N ALA A 40 -13.02 -22.41 -9.16
CA ALA A 40 -14.20 -21.57 -8.96
C ALA A 40 -13.99 -20.78 -7.68
N ARG A 41 -13.44 -21.42 -6.65
CA ARG A 41 -13.17 -20.76 -5.37
C ARG A 41 -12.14 -19.63 -5.60
N LEU A 42 -11.13 -19.90 -6.42
CA LEU A 42 -10.12 -18.90 -6.72
C LEU A 42 -10.76 -17.67 -7.38
N LYS A 43 -11.66 -17.90 -8.33
CA LYS A 43 -12.34 -16.80 -9.00
C LYS A 43 -13.15 -15.95 -8.01
N GLU A 44 -13.82 -16.60 -7.09
CA GLU A 44 -14.58 -15.89 -6.08
C GLU A 44 -13.63 -15.08 -5.19
N VAL A 45 -12.46 -15.64 -4.87
CA VAL A 45 -11.48 -14.93 -4.04
C VAL A 45 -10.96 -13.68 -4.74
N LEU A 46 -10.74 -13.80 -6.04
CA LEU A 46 -10.24 -12.69 -6.83
C LEU A 46 -11.26 -11.56 -6.93
N GLU A 47 -12.49 -11.92 -7.28
CA GLU A 47 -13.52 -10.91 -7.46
C GLU A 47 -13.88 -10.16 -6.22
N TYR A 48 -13.81 -10.84 -5.08
CA TYR A 48 -14.14 -10.23 -3.82
C TYR A 48 -13.02 -9.34 -3.26
N ASN A 49 -11.78 -9.77 -3.39
CA ASN A 49 -10.66 -9.07 -2.78
C ASN A 49 -9.78 -8.20 -3.66
N ALA A 50 -9.77 -8.44 -4.96
CA ALA A 50 -8.93 -7.63 -5.81
C ALA A 50 -9.72 -6.45 -6.37
N ILE A 51 -11.03 -6.48 -6.19
CA ILE A 51 -11.92 -5.41 -6.66
C ILE A 51 -12.55 -4.64 -5.51
N GLY A 52 -12.67 -3.33 -5.67
CA GLY A 52 -13.29 -2.54 -4.61
C GLY A 52 -12.46 -1.43 -3.98
N GLY A 53 -11.16 -1.41 -4.26
CA GLY A 53 -10.30 -0.38 -3.71
C GLY A 53 -10.17 0.78 -4.68
N LYS A 54 -9.11 1.56 -4.56
CA LYS A 54 -8.92 2.71 -5.45
C LYS A 54 -7.98 2.43 -6.62
N TYR A 55 -7.28 1.30 -6.56
CA TYR A 55 -6.33 0.87 -7.59
C TYR A 55 -5.20 1.85 -7.85
N ASN A 56 -4.86 2.68 -6.86
CA ASN A 56 -3.78 3.65 -7.04
C ASN A 56 -2.44 3.02 -7.41
N ARG A 57 -2.04 1.97 -6.71
CA ARG A 57 -0.76 1.33 -6.99
C ARG A 57 -0.70 0.69 -8.38
N GLY A 58 -1.76 -0.03 -8.75
CA GLY A 58 -1.81 -0.63 -10.07
C GLY A 58 -1.84 0.41 -11.16
N LEU A 59 -2.63 1.46 -10.95
CA LEU A 59 -2.71 2.52 -11.95
C LEU A 59 -1.36 3.20 -12.08
N THR A 60 -0.65 3.38 -10.98
CA THR A 60 0.65 4.02 -11.05
C THR A 60 1.54 3.29 -12.03
N VAL A 61 1.45 1.97 -12.06
CA VAL A 61 2.29 1.22 -13.00
C VAL A 61 1.93 1.60 -14.43
N VAL A 62 0.63 1.64 -14.75
CA VAL A 62 0.20 1.97 -16.10
C VAL A 62 0.62 3.39 -16.48
N VAL A 63 0.28 4.32 -15.60
CA VAL A 63 0.61 5.73 -15.78
C VAL A 63 2.10 5.93 -15.97
N ALA A 64 2.90 5.33 -15.10
CA ALA A 64 4.36 5.49 -15.19
C ALA A 64 4.92 4.84 -16.45
N PHE A 65 4.30 3.76 -16.90
CA PHE A 65 4.75 3.08 -18.09
C PHE A 65 4.61 3.96 -19.33
N ARG A 66 3.49 4.66 -19.45
CA ARG A 66 3.29 5.54 -20.59
C ARG A 66 4.27 6.71 -20.63
N GLU A 67 4.69 7.18 -19.45
CA GLU A 67 5.61 8.31 -19.39
C GLU A 67 7.07 7.89 -19.52
N LEU A 68 7.33 6.60 -19.43
CA LEU A 68 8.70 6.10 -19.51
C LEU A 68 9.01 5.40 -20.84
N VAL A 69 7.97 5.10 -21.61
CA VAL A 69 8.14 4.42 -22.89
C VAL A 69 7.65 5.27 -24.06
N GLU A 70 8.44 5.31 -25.13
CA GLU A 70 8.12 6.07 -26.33
C GLU A 70 6.82 5.59 -26.95
N PRO A 71 5.94 6.54 -27.32
CA PRO A 71 4.63 6.26 -27.92
C PRO A 71 4.61 5.26 -29.07
N ARG A 72 5.77 4.94 -29.63
CA ARG A 72 5.81 4.00 -30.76
C ARG A 72 5.96 2.56 -30.27
N LYS A 73 6.59 2.40 -29.11
CA LYS A 73 6.79 1.07 -28.54
C LYS A 73 5.62 0.73 -27.61
N GLN A 74 4.56 1.53 -27.70
CA GLN A 74 3.37 1.32 -26.89
C GLN A 74 2.29 0.59 -27.68
N ASP A 75 2.67 -0.54 -28.28
CA ASP A 75 1.72 -1.34 -29.05
C ASP A 75 0.72 -1.98 -28.12
N ALA A 76 -0.39 -2.47 -28.66
CA ALA A 76 -1.42 -3.10 -27.85
C ALA A 76 -0.86 -4.17 -26.91
N ASP A 77 0.13 -4.92 -27.37
CA ASP A 77 0.74 -5.97 -26.56
C ASP A 77 1.47 -5.42 -25.33
N SER A 78 2.27 -4.38 -25.54
CA SER A 78 3.00 -3.76 -24.45
C SER A 78 2.08 -3.15 -23.40
N LEU A 79 0.96 -2.59 -23.86
CA LEU A 79 0.01 -1.98 -22.95
C LEU A 79 -0.75 -3.03 -22.16
N GLN A 80 -1.00 -4.17 -22.79
CA GLN A 80 -1.72 -5.25 -22.12
C GLN A 80 -0.85 -5.78 -20.98
N ARG A 81 0.45 -5.90 -21.24
CA ARG A 81 1.39 -6.35 -20.23
C ARG A 81 1.44 -5.32 -19.09
N ALA A 82 1.43 -4.03 -19.44
CA ALA A 82 1.47 -2.98 -18.44
C ALA A 82 0.25 -3.07 -17.52
N TRP A 83 -0.91 -3.35 -18.09
CA TRP A 83 -2.13 -3.48 -17.31
C TRP A 83 -2.06 -4.71 -16.40
N THR A 84 -1.49 -5.79 -16.93
CA THR A 84 -1.37 -7.02 -16.18
C THR A 84 -0.44 -6.81 -14.99
N VAL A 85 0.71 -6.21 -15.22
CA VAL A 85 1.66 -5.97 -14.14
C VAL A 85 1.02 -5.04 -13.10
N GLY A 86 0.23 -4.06 -13.57
CA GLY A 86 -0.44 -3.18 -12.66
C GLY A 86 -1.41 -4.01 -11.83
N TRP A 87 -2.06 -5.00 -12.44
CA TRP A 87 -2.96 -5.83 -11.65
C TRP A 87 -2.22 -6.77 -10.71
N CYS A 88 -0.98 -7.12 -11.07
CA CYS A 88 -0.18 -7.99 -10.20
C CYS A 88 0.08 -7.22 -8.90
N VAL A 89 0.28 -5.92 -9.01
CA VAL A 89 0.53 -5.10 -7.85
C VAL A 89 -0.73 -5.10 -7.01
N GLU A 90 -1.90 -5.01 -7.65
CA GLU A 90 -3.15 -5.02 -6.91
C GLU A 90 -3.33 -6.37 -6.24
N LEU A 91 -2.90 -7.44 -6.91
CA LEU A 91 -3.03 -8.78 -6.33
C LEU A 91 -2.13 -8.93 -5.11
N LEU A 92 -0.95 -8.33 -5.17
CA LEU A 92 -0.04 -8.39 -4.04
C LEU A 92 -0.73 -7.67 -2.90
N GLN A 93 -1.33 -6.52 -3.23
CA GLN A 93 -2.08 -5.73 -2.26
C GLN A 93 -3.20 -6.56 -1.63
N ALA A 94 -3.98 -7.23 -2.47
CA ALA A 94 -5.09 -8.04 -1.98
C ALA A 94 -4.62 -9.13 -1.03
N PHE A 95 -3.47 -9.71 -1.36
CA PHE A 95 -2.81 -10.76 -0.58
C PHE A 95 -2.53 -10.27 0.83
N PHE A 96 -1.95 -9.07 0.95
CA PHE A 96 -1.61 -8.46 2.26
C PHE A 96 -2.86 -8.12 3.06
N LEU A 97 -3.85 -7.51 2.41
CA LEU A 97 -5.07 -7.09 3.09
C LEU A 97 -5.84 -8.26 3.67
N VAL A 98 -6.02 -9.31 2.88
CA VAL A 98 -6.76 -10.47 3.36
C VAL A 98 -6.04 -11.08 4.57
N ALA A 99 -4.73 -11.21 4.51
CA ALA A 99 -3.98 -11.79 5.63
C ALA A 99 -3.94 -10.89 6.86
N ASP A 100 -3.80 -9.58 6.61
CA ASP A 100 -3.75 -8.56 7.66
C ASP A 100 -5.08 -8.41 8.40
N ASP A 101 -6.19 -8.52 7.69
CA ASP A 101 -7.49 -8.38 8.32
C ASP A 101 -7.72 -9.55 9.28
N ILE A 102 -7.15 -10.70 8.98
CA ILE A 102 -7.29 -11.87 9.86
C ILE A 102 -6.40 -11.64 11.06
N MET A 103 -5.14 -11.28 10.81
CA MET A 103 -4.23 -11.07 11.93
C MET A 103 -4.68 -10.00 12.92
N ASP A 104 -5.30 -8.94 12.47
CA ASP A 104 -5.69 -7.95 13.47
C ASP A 104 -7.17 -8.00 13.81
N SER A 105 -7.80 -9.09 13.38
CA SER A 105 -9.21 -9.32 13.63
C SER A 105 -10.13 -8.19 13.19
N SER A 106 -9.90 -7.67 12.00
CA SER A 106 -10.73 -6.61 11.49
C SER A 106 -12.12 -7.15 11.16
N LEU A 107 -13.07 -6.24 11.07
CA LEU A 107 -14.46 -6.56 10.78
C LEU A 107 -14.81 -6.22 9.35
N THR A 108 -14.39 -5.05 8.89
CA THR A 108 -14.70 -4.65 7.53
C THR A 108 -13.47 -4.14 6.77
N ARG A 109 -13.60 -4.08 5.46
CA ARG A 109 -12.54 -3.64 4.57
C ARG A 109 -13.22 -3.12 3.31
N ARG A 110 -12.77 -1.98 2.81
CA ARG A 110 -13.36 -1.38 1.60
C ARG A 110 -14.88 -1.31 1.71
N GLY A 111 -15.36 -0.98 2.90
CA GLY A 111 -16.78 -0.88 3.14
C GLY A 111 -17.49 -2.21 3.41
N GLN A 112 -17.02 -3.28 2.78
CA GLN A 112 -17.64 -4.58 2.97
C GLN A 112 -17.02 -5.44 4.05
N ILE A 113 -17.72 -6.51 4.38
CA ILE A 113 -17.26 -7.44 5.40
C ILE A 113 -15.92 -8.07 4.96
N CYS A 114 -15.00 -8.22 5.91
CA CYS A 114 -13.70 -8.83 5.60
C CYS A 114 -13.90 -10.26 5.08
N TRP A 115 -13.20 -10.57 4.00
CA TRP A 115 -13.30 -11.89 3.39
C TRP A 115 -13.37 -13.04 4.39
N TYR A 116 -12.44 -13.07 5.35
CA TYR A 116 -12.42 -14.17 6.31
C TYR A 116 -13.64 -14.13 7.23
N GLN A 117 -14.31 -12.98 7.31
CA GLN A 117 -15.49 -12.86 8.17
C GLN A 117 -16.73 -13.39 7.49
N LYS A 118 -16.63 -13.75 6.21
CA LYS A 118 -17.79 -14.29 5.52
C LYS A 118 -18.06 -15.73 5.94
N PRO A 119 -19.34 -16.07 6.14
CA PRO A 119 -19.76 -17.41 6.55
C PRO A 119 -19.19 -18.45 5.60
N GLY A 120 -18.57 -19.48 6.16
CA GLY A 120 -17.98 -20.52 5.31
C GLY A 120 -16.55 -20.24 4.88
N VAL A 121 -15.99 -19.11 5.29
CA VAL A 121 -14.61 -18.80 4.91
C VAL A 121 -13.70 -18.95 6.12
N GLY A 122 -13.75 -17.99 7.04
CA GLY A 122 -12.92 -18.08 8.23
C GLY A 122 -11.43 -18.26 7.96
N LEU A 123 -10.76 -19.11 8.73
CA LEU A 123 -9.34 -19.28 8.54
C LEU A 123 -8.95 -19.87 7.19
N ASP A 124 -9.91 -20.31 6.39
CA ASP A 124 -9.55 -20.82 5.07
C ASP A 124 -8.95 -19.67 4.25
N ALA A 125 -9.27 -18.44 4.64
CA ALA A 125 -8.76 -17.23 3.95
C ALA A 125 -7.23 -17.17 3.90
N ILE A 126 -6.57 -17.92 4.78
CA ILE A 126 -5.10 -17.95 4.82
C ILE A 126 -4.63 -18.56 3.52
N ASN A 127 -5.31 -19.63 3.09
CA ASN A 127 -4.95 -20.28 1.83
C ASN A 127 -5.39 -19.39 0.66
N ASP A 128 -6.56 -18.76 0.80
CA ASP A 128 -7.06 -17.87 -0.26
C ASP A 128 -6.02 -16.76 -0.47
N ALA A 129 -5.52 -16.22 0.62
CA ALA A 129 -4.53 -15.16 0.55
C ALA A 129 -3.31 -15.69 -0.20
N ASN A 130 -2.86 -16.90 0.15
CA ASN A 130 -1.70 -17.46 -0.57
C ASN A 130 -1.94 -17.63 -2.07
N LEU A 131 -3.16 -17.99 -2.47
CA LEU A 131 -3.47 -18.13 -3.88
C LEU A 131 -3.41 -16.78 -4.60
N LEU A 132 -3.78 -15.71 -3.91
CA LEU A 132 -3.71 -14.39 -4.52
C LEU A 132 -2.27 -14.10 -4.85
N GLU A 133 -1.40 -14.41 -3.90
CA GLU A 133 0.02 -14.18 -4.10
C GLU A 133 0.52 -14.98 -5.31
N ALA A 134 0.11 -16.24 -5.41
CA ALA A 134 0.53 -17.10 -6.51
C ALA A 134 0.09 -16.59 -7.89
N CYS A 135 -1.10 -15.99 -7.95
CA CYS A 135 -1.62 -15.49 -9.21
C CYS A 135 -0.68 -14.46 -9.79
N ILE A 136 -0.01 -13.74 -8.91
CA ILE A 136 0.94 -12.75 -9.37
C ILE A 136 1.93 -13.41 -10.31
N TYR A 137 2.56 -14.49 -9.87
CA TYR A 137 3.56 -15.12 -10.70
C TYR A 137 2.99 -15.87 -11.90
N ARG A 138 1.74 -16.34 -11.80
CA ARG A 138 1.14 -17.00 -12.94
C ARG A 138 0.97 -15.98 -14.07
N LEU A 139 0.50 -14.78 -13.74
CA LEU A 139 0.31 -13.69 -14.71
C LEU A 139 1.61 -13.22 -15.34
N LEU A 140 2.64 -13.03 -14.52
CA LEU A 140 3.92 -12.60 -15.04
C LEU A 140 4.44 -13.63 -16.05
N LYS A 141 4.24 -14.90 -15.74
CA LYS A 141 4.72 -15.95 -16.63
C LYS A 141 3.97 -15.97 -17.95
N LEU A 142 2.65 -15.87 -17.85
CA LEU A 142 1.77 -15.87 -18.99
C LEU A 142 1.92 -14.68 -19.92
N TYR A 143 2.21 -13.51 -19.36
CA TYR A 143 2.36 -12.29 -20.15
C TYR A 143 3.77 -11.76 -20.36
N CYS A 144 4.72 -12.13 -19.51
CA CYS A 144 6.07 -11.60 -19.64
C CYS A 144 7.17 -12.62 -19.70
N ARG A 145 6.81 -13.89 -19.85
CA ARG A 145 7.80 -14.96 -19.90
C ARG A 145 8.89 -14.73 -20.94
N GLU A 146 8.52 -14.18 -22.10
CA GLU A 146 9.50 -13.93 -23.16
C GLU A 146 10.23 -12.59 -23.07
N GLN A 147 9.69 -11.66 -22.28
CA GLN A 147 10.30 -10.34 -22.14
C GLN A 147 11.63 -10.42 -21.40
N PRO A 148 12.59 -9.55 -21.76
CA PRO A 148 13.91 -9.51 -21.13
C PRO A 148 13.95 -9.01 -19.68
N TYR A 149 12.83 -8.44 -19.21
CA TYR A 149 12.73 -7.95 -17.85
C TYR A 149 11.95 -8.94 -16.96
N TYR A 150 11.63 -10.11 -17.52
CA TYR A 150 10.88 -11.13 -16.80
C TYR A 150 11.46 -11.42 -15.39
N LEU A 151 12.71 -11.86 -15.34
CA LEU A 151 13.35 -12.16 -14.08
C LEU A 151 13.41 -10.96 -13.13
N ASN A 152 13.57 -9.77 -13.67
CA ASN A 152 13.63 -8.55 -12.85
C ASN A 152 12.32 -8.29 -12.11
N LEU A 153 11.21 -8.50 -12.80
CA LEU A 153 9.89 -8.30 -12.22
C LEU A 153 9.60 -9.34 -11.14
N ILE A 154 9.99 -10.60 -11.40
CA ILE A 154 9.78 -11.68 -10.44
C ILE A 154 10.52 -11.34 -9.15
N GLU A 155 11.79 -10.98 -9.29
CA GLU A 155 12.62 -10.62 -8.14
C GLU A 155 12.09 -9.39 -7.40
N LEU A 156 11.53 -8.44 -8.16
CA LEU A 156 10.97 -7.21 -7.58
C LEU A 156 9.74 -7.57 -6.74
N PHE A 157 8.83 -8.35 -7.32
CA PHE A 157 7.64 -8.76 -6.58
C PHE A 157 8.00 -9.56 -5.34
N LEU A 158 9.00 -10.44 -5.46
CA LEU A 158 9.45 -11.25 -4.32
C LEU A 158 10.04 -10.36 -3.23
N GLN A 159 10.97 -9.48 -3.60
CA GLN A 159 11.59 -8.59 -2.64
C GLN A 159 10.54 -7.71 -1.96
N SER A 160 9.60 -7.19 -2.73
CA SER A 160 8.55 -6.36 -2.17
C SER A 160 7.72 -7.12 -1.13
N SER A 161 7.45 -8.40 -1.39
CA SER A 161 6.68 -9.21 -0.46
C SER A 161 7.46 -9.41 0.84
N TYR A 162 8.73 -9.74 0.69
CA TYR A 162 9.60 -9.94 1.84
C TYR A 162 9.66 -8.67 2.71
N GLN A 163 9.92 -7.53 2.08
CA GLN A 163 10.01 -6.25 2.80
C GLN A 163 8.72 -5.95 3.54
N THR A 164 7.61 -6.16 2.87
CA THR A 164 6.31 -5.92 3.49
C THR A 164 6.13 -6.83 4.70
N GLU A 165 6.49 -8.10 4.54
CA GLU A 165 6.34 -9.08 5.62
C GLU A 165 7.27 -8.77 6.79
N ILE A 166 8.47 -8.32 6.47
CA ILE A 166 9.44 -7.96 7.49
C ILE A 166 8.89 -6.75 8.19
N GLY A 167 8.27 -5.84 7.44
CA GLY A 167 7.69 -4.68 8.06
C GLY A 167 6.48 -5.05 8.91
N GLN A 168 5.75 -6.11 8.52
CA GLN A 168 4.58 -6.53 9.28
C GLN A 168 5.03 -7.14 10.60
N THR A 169 6.13 -7.88 10.57
CA THR A 169 6.67 -8.49 11.77
C THR A 169 7.01 -7.38 12.75
N LEU A 170 7.71 -6.37 12.25
CA LEU A 170 8.12 -5.25 13.07
C LEU A 170 6.88 -4.62 13.71
N ASP A 171 5.86 -4.35 12.90
CA ASP A 171 4.67 -3.74 13.45
C ASP A 171 4.01 -4.61 14.52
N LEU A 172 3.99 -5.93 14.31
CA LEU A 172 3.40 -6.87 15.26
C LEU A 172 4.18 -6.89 16.58
N LEU A 173 5.51 -6.74 16.50
CA LEU A 173 6.35 -6.72 17.68
C LEU A 173 6.22 -5.38 18.42
N THR A 174 5.94 -4.32 17.66
CA THR A 174 5.84 -2.99 18.24
C THR A 174 4.56 -2.74 19.00
N ALA A 175 3.44 -3.22 18.46
CA ALA A 175 2.14 -3.05 19.10
C ALA A 175 1.43 -4.40 19.31
N PRO A 176 1.97 -5.28 20.17
CA PRO A 176 1.36 -6.59 20.41
C PRO A 176 -0.11 -6.48 20.83
N GLN A 177 -0.96 -7.33 20.27
CA GLN A 177 -2.39 -7.33 20.58
C GLN A 177 -2.59 -7.33 22.10
N GLY A 178 -2.83 -6.16 22.68
CA GLY A 178 -3.04 -6.07 24.11
C GLY A 178 -2.02 -5.17 24.82
N ASN A 179 -0.75 -5.52 24.71
CA ASN A 179 0.31 -4.75 25.34
C ASN A 179 0.38 -3.31 24.81
N VAL A 180 0.20 -2.35 25.71
CA VAL A 180 0.24 -0.95 25.33
C VAL A 180 1.54 -0.30 25.77
N ASP A 181 2.64 -1.04 25.68
CA ASP A 181 3.94 -0.50 26.07
C ASP A 181 4.30 0.63 25.10
N LEU A 182 4.05 1.86 25.52
CA LEU A 182 4.33 3.03 24.68
C LEU A 182 5.82 3.29 24.52
N VAL A 183 6.63 2.53 25.23
CA VAL A 183 8.08 2.69 25.16
C VAL A 183 8.66 2.37 23.79
N ARG A 184 8.07 1.41 23.10
CA ARG A 184 8.57 1.04 21.78
C ARG A 184 8.03 1.89 20.64
N PHE A 185 7.16 2.84 20.96
CA PHE A 185 6.59 3.73 19.95
C PHE A 185 7.51 4.90 19.65
N THR A 186 8.75 4.59 19.26
CA THR A 186 9.75 5.61 18.95
C THR A 186 9.70 6.04 17.48
N GLU A 187 10.26 7.21 17.19
CA GLU A 187 10.27 7.74 15.82
C GLU A 187 11.04 6.87 14.86
N LYS A 188 12.19 6.36 15.30
CA LYS A 188 12.99 5.50 14.44
C LYS A 188 12.27 4.18 14.14
N ARG A 189 11.49 3.68 15.10
CA ARG A 189 10.75 2.45 14.90
C ARG A 189 9.58 2.69 13.95
N TYR A 190 8.93 3.84 14.10
CA TYR A 190 7.80 4.23 13.25
C TYR A 190 8.24 4.38 11.80
N LYS A 191 9.37 5.05 11.58
CA LYS A 191 9.85 5.26 10.23
C LYS A 191 10.26 3.94 9.60
N SER A 192 10.84 3.06 10.40
CA SER A 192 11.27 1.78 9.90
C SER A 192 10.09 0.89 9.49
N ILE A 193 9.00 0.96 10.26
CA ILE A 193 7.80 0.19 9.96
C ILE A 193 7.16 0.67 8.67
N VAL A 194 7.08 1.99 8.51
CA VAL A 194 6.52 2.63 7.34
C VAL A 194 7.31 2.29 6.08
N LYS A 195 8.62 2.31 6.23
CA LYS A 195 9.49 2.02 5.11
C LYS A 195 9.27 0.59 4.60
N TYR A 196 9.40 -0.36 5.51
CA TYR A 196 9.26 -1.76 5.13
C TYR A 196 7.83 -2.19 4.86
N LYS A 197 6.92 -1.89 5.78
CA LYS A 197 5.55 -2.33 5.63
C LYS A 197 4.71 -1.63 4.58
N THR A 198 4.96 -0.35 4.34
CA THR A 198 4.14 0.38 3.37
C THR A 198 4.83 1.00 2.14
N ALA A 199 5.84 1.82 2.37
CA ALA A 199 6.55 2.55 1.32
C ALA A 199 7.14 1.75 0.17
N PHE A 200 7.82 0.64 0.46
CA PHE A 200 8.44 -0.14 -0.57
C PHE A 200 7.44 -0.67 -1.60
N TYR A 201 6.42 -1.42 -1.16
CA TYR A 201 5.46 -1.96 -2.12
C TYR A 201 4.43 -0.97 -2.64
N SER A 202 4.16 0.08 -1.87
CA SER A 202 3.18 1.07 -2.29
C SER A 202 3.74 2.14 -3.24
N PHE A 203 4.96 2.62 -3.00
CA PHE A 203 5.52 3.66 -3.84
C PHE A 203 6.75 3.31 -4.67
N TYR A 204 7.57 2.39 -4.21
CA TYR A 204 8.71 2.01 -5.02
C TYR A 204 8.28 0.95 -6.05
N LEU A 205 7.68 -0.14 -5.59
CA LEU A 205 7.26 -1.24 -6.49
C LEU A 205 6.66 -0.85 -7.86
N PRO A 206 5.54 -0.09 -7.86
CA PRO A 206 4.85 0.36 -9.07
C PRO A 206 5.74 1.07 -10.11
N ILE A 207 6.49 2.09 -9.69
CA ILE A 207 7.37 2.80 -10.62
C ILE A 207 8.51 1.88 -11.05
N ALA A 208 9.04 1.09 -10.12
CA ALA A 208 10.13 0.16 -10.42
C ALA A 208 9.71 -0.84 -11.48
N ALA A 209 8.47 -1.31 -11.39
CA ALA A 209 7.96 -2.27 -12.34
C ALA A 209 7.93 -1.61 -13.69
N ALA A 210 7.36 -0.41 -13.75
CA ALA A 210 7.28 0.35 -14.99
C ALA A 210 8.69 0.59 -15.53
N MET A 211 9.60 0.97 -14.66
CA MET A 211 10.96 1.20 -15.07
C MET A 211 11.54 -0.04 -15.76
N TYR A 212 11.43 -1.21 -15.13
CA TYR A 212 11.97 -2.42 -15.74
C TYR A 212 11.32 -2.74 -17.09
N MET A 213 10.01 -2.54 -17.17
CA MET A 213 9.30 -2.81 -18.41
C MET A 213 9.72 -1.83 -19.51
N ALA A 214 10.19 -0.66 -19.10
CA ALA A 214 10.62 0.35 -20.06
C ALA A 214 12.07 0.10 -20.44
N GLY A 215 12.69 -0.90 -19.83
CA GLY A 215 14.08 -1.21 -20.15
C GLY A 215 15.07 -0.52 -19.25
N ILE A 216 14.56 0.19 -18.26
CA ILE A 216 15.43 0.90 -17.33
C ILE A 216 15.73 -0.03 -16.16
N ASP A 217 16.74 -0.87 -16.35
CA ASP A 217 17.13 -1.83 -15.32
C ASP A 217 18.40 -1.42 -14.58
N GLY A 218 18.83 -0.19 -14.81
CA GLY A 218 20.03 0.29 -14.15
C GLY A 218 19.88 0.23 -12.64
N GLU A 219 20.89 -0.31 -11.99
CA GLU A 219 20.88 -0.44 -10.53
C GLU A 219 21.00 0.91 -9.85
N LYS A 220 21.61 1.86 -10.54
CA LYS A 220 21.79 3.21 -10.01
C LYS A 220 20.48 3.99 -10.19
N GLU A 221 19.84 3.83 -11.33
CA GLU A 221 18.59 4.51 -11.59
C GLU A 221 17.52 4.08 -10.61
N HIS A 222 17.51 2.79 -10.27
CA HIS A 222 16.54 2.26 -9.32
C HIS A 222 16.83 2.75 -7.93
N ALA A 223 18.11 2.88 -7.58
CA ALA A 223 18.45 3.38 -6.26
C ALA A 223 18.00 4.84 -6.14
N ASN A 224 18.14 5.62 -7.21
CA ASN A 224 17.73 7.04 -7.17
C ASN A 224 16.22 7.18 -7.09
N ALA A 225 15.49 6.37 -7.87
CA ALA A 225 14.05 6.42 -7.85
C ALA A 225 13.57 6.02 -6.45
N LYS A 226 14.15 4.95 -5.91
CA LYS A 226 13.81 4.45 -4.58
C LYS A 226 14.06 5.51 -3.50
N LYS A 227 15.13 6.27 -3.66
CA LYS A 227 15.47 7.33 -2.73
C LYS A 227 14.30 8.32 -2.63
N ILE A 228 13.79 8.72 -3.79
CA ILE A 228 12.68 9.64 -3.87
C ILE A 228 11.36 9.02 -3.39
N LEU A 229 11.06 7.85 -3.93
CA LEU A 229 9.83 7.14 -3.61
C LEU A 229 9.63 6.74 -2.14
N LEU A 230 10.69 6.30 -1.45
CA LEU A 230 10.54 5.93 -0.04
C LEU A 230 10.24 7.17 0.81
N GLU A 231 10.74 8.32 0.38
CA GLU A 231 10.47 9.58 1.10
C GLU A 231 9.01 9.95 0.87
N MET A 232 8.54 9.77 -0.37
CA MET A 232 7.15 10.08 -0.65
C MET A 232 6.28 9.11 0.18
N GLY A 233 6.67 7.84 0.25
CA GLY A 233 5.90 6.88 1.01
C GLY A 233 5.78 7.20 2.48
N GLU A 234 6.86 7.70 3.06
CA GLU A 234 6.90 8.08 4.46
C GLU A 234 5.94 9.24 4.72
N PHE A 235 5.96 10.24 3.85
CA PHE A 235 5.04 11.37 4.03
C PHE A 235 3.61 10.87 3.91
N PHE A 236 3.36 10.06 2.90
CA PHE A 236 2.03 9.49 2.69
C PHE A 236 1.44 8.86 3.95
N GLN A 237 2.21 8.01 4.61
CA GLN A 237 1.72 7.34 5.82
C GLN A 237 1.56 8.30 6.99
N ILE A 238 2.46 9.29 7.08
CA ILE A 238 2.38 10.28 8.14
C ILE A 238 1.12 11.09 7.94
N GLN A 239 0.81 11.42 6.69
CA GLN A 239 -0.38 12.20 6.40
C GLN A 239 -1.63 11.37 6.68
N ASP A 240 -1.56 10.10 6.32
CA ASP A 240 -2.65 9.14 6.52
C ASP A 240 -2.96 9.02 8.03
N ASP A 241 -1.91 9.00 8.85
CA ASP A 241 -2.09 8.91 10.29
C ASP A 241 -2.76 10.16 10.81
N TYR A 242 -2.33 11.31 10.30
CA TYR A 242 -2.89 12.58 10.72
C TYR A 242 -4.36 12.67 10.35
N LEU A 243 -4.67 12.38 9.10
CA LEU A 243 -6.05 12.44 8.62
C LEU A 243 -6.96 11.41 9.30
N ASP A 244 -6.36 10.32 9.76
CA ASP A 244 -7.12 9.26 10.41
C ASP A 244 -7.94 9.83 11.57
N LEU A 245 -7.39 10.83 12.24
CA LEU A 245 -8.06 11.47 13.37
C LEU A 245 -8.62 12.85 13.05
N PHE A 246 -7.74 13.74 12.61
CA PHE A 246 -8.13 15.11 12.29
C PHE A 246 -8.73 15.23 10.90
N GLY A 247 -9.02 14.11 10.26
CA GLY A 247 -9.60 14.15 8.93
C GLY A 247 -11.11 14.20 8.96
N ASP A 248 -11.71 14.62 7.85
CA ASP A 248 -13.16 14.70 7.75
C ASP A 248 -13.70 13.44 7.07
N PRO A 249 -14.37 12.58 7.85
CA PRO A 249 -14.96 11.30 7.41
C PRO A 249 -15.80 11.37 6.13
N SER A 250 -16.38 12.54 5.86
CA SER A 250 -17.20 12.70 4.66
C SER A 250 -16.32 12.93 3.43
N VAL A 251 -15.12 13.45 3.66
CA VAL A 251 -14.17 13.71 2.57
C VAL A 251 -13.21 12.54 2.39
N THR A 252 -12.75 11.98 3.51
CA THR A 252 -11.83 10.84 3.48
C THR A 252 -12.58 9.56 3.18
N GLY A 253 -13.86 9.53 3.55
CA GLY A 253 -14.67 8.35 3.31
C GLY A 253 -14.37 7.23 4.28
N LYS A 254 -13.81 7.58 5.45
CA LYS A 254 -13.47 6.61 6.47
C LYS A 254 -13.43 7.20 7.88
N ILE A 255 -13.71 6.37 8.88
CA ILE A 255 -13.71 6.80 10.26
C ILE A 255 -12.43 6.37 10.97
N GLY A 256 -11.86 7.27 11.77
CA GLY A 256 -10.62 6.97 12.47
C GLY A 256 -10.75 5.92 13.56
N THR A 257 -9.83 4.95 13.55
CA THR A 257 -9.83 3.88 14.55
C THR A 257 -8.40 3.56 15.02
N ASP A 258 -7.44 4.39 14.63
CA ASP A 258 -6.04 4.21 15.02
C ASP A 258 -5.84 4.21 16.54
N ILE A 259 -6.45 5.18 17.21
CA ILE A 259 -6.31 5.31 18.65
C ILE A 259 -6.89 4.08 19.34
N GLN A 260 -8.08 3.68 18.91
CA GLN A 260 -8.77 2.52 19.47
C GLN A 260 -7.98 1.24 19.19
N ASP A 261 -7.30 1.19 18.05
CA ASP A 261 -6.53 0.01 17.68
C ASP A 261 -5.13 -0.03 18.26
N ASN A 262 -4.80 0.94 19.10
CA ASN A 262 -3.48 1.02 19.72
C ASN A 262 -2.38 1.02 18.66
N LYS A 263 -2.67 1.63 17.52
CA LYS A 263 -1.71 1.68 16.42
C LYS A 263 -0.52 2.57 16.77
N CYS A 264 0.62 2.28 16.16
CA CYS A 264 1.83 3.07 16.34
C CYS A 264 1.76 4.22 15.32
N SER A 265 0.75 5.07 15.52
CA SER A 265 0.49 6.22 14.66
C SER A 265 1.60 7.26 14.77
N TRP A 266 1.67 8.15 13.79
CA TRP A 266 2.66 9.22 13.79
C TRP A 266 2.26 10.20 14.89
N LEU A 267 0.96 10.36 15.08
CA LEU A 267 0.46 11.28 16.10
C LEU A 267 0.91 10.85 17.49
N VAL A 268 0.71 9.57 17.82
CA VAL A 268 1.10 9.09 19.14
C VAL A 268 2.61 9.16 19.33
N VAL A 269 3.37 9.04 18.25
CA VAL A 269 4.83 9.11 18.35
C VAL A 269 5.25 10.55 18.66
N GLN A 270 4.55 11.51 18.06
CA GLN A 270 4.85 12.92 18.28
C GLN A 270 4.40 13.35 19.68
N CYS A 271 3.24 12.86 20.08
CA CYS A 271 2.67 13.15 21.39
C CYS A 271 3.65 12.69 22.47
N LEU A 272 4.26 11.51 22.26
CA LEU A 272 5.20 10.98 23.24
C LEU A 272 6.49 11.80 23.32
N GLN A 273 6.81 12.52 22.25
CA GLN A 273 8.01 13.34 22.26
C GLN A 273 7.74 14.69 22.93
N ARG A 274 6.50 15.17 22.78
CA ARG A 274 6.08 16.45 23.33
C ARG A 274 5.05 16.26 24.46
N ALA A 275 5.46 15.60 25.54
CA ALA A 275 4.53 15.37 26.63
C ALA A 275 5.21 15.35 27.99
N THR A 276 4.50 15.88 28.98
CA THR A 276 4.99 15.93 30.35
C THR A 276 4.62 14.61 31.03
N PRO A 277 5.35 14.22 32.07
CA PRO A 277 5.09 12.97 32.80
C PRO A 277 3.60 12.74 33.07
N GLU A 278 2.87 13.82 33.32
CA GLU A 278 1.44 13.70 33.61
C GLU A 278 0.64 13.45 32.34
N GLN A 279 1.02 14.12 31.25
CA GLN A 279 0.36 13.95 29.97
C GLN A 279 0.52 12.51 29.49
N TYR A 280 1.70 11.94 29.74
CA TYR A 280 1.98 10.57 29.36
C TYR A 280 0.97 9.63 30.01
N GLN A 281 0.80 9.79 31.32
CA GLN A 281 -0.12 8.98 32.09
C GLN A 281 -1.54 9.06 31.50
N ILE A 282 -1.89 10.22 30.98
CA ILE A 282 -3.21 10.43 30.39
C ILE A 282 -3.37 9.58 29.14
N LEU A 283 -2.29 9.46 28.38
CA LEU A 283 -2.29 8.69 27.15
C LEU A 283 -2.35 7.19 27.44
N LYS A 284 -1.61 6.76 28.45
CA LYS A 284 -1.58 5.35 28.83
C LYS A 284 -2.93 4.82 29.28
N GLU A 285 -3.76 5.68 29.85
CA GLU A 285 -5.06 5.27 30.35
C GLU A 285 -6.20 5.52 29.37
N ASN A 286 -5.89 6.00 28.16
CA ASN A 286 -6.91 6.27 27.16
C ASN A 286 -6.58 5.72 25.77
N TYR A 287 -5.34 5.33 25.56
CA TYR A 287 -4.93 4.80 24.27
C TYR A 287 -5.25 3.32 24.13
N GLY A 288 -5.98 2.98 23.06
CA GLY A 288 -6.34 1.60 22.82
C GLY A 288 -7.66 1.22 23.47
N GLN A 289 -8.55 2.20 23.62
CA GLN A 289 -9.86 1.98 24.23
C GLN A 289 -10.97 2.21 23.21
N LYS A 290 -12.06 1.46 23.32
CA LYS A 290 -13.19 1.61 22.40
C LYS A 290 -14.08 2.79 22.80
N GLU A 291 -14.14 3.05 24.11
CA GLU A 291 -14.97 4.13 24.66
C GLU A 291 -14.64 5.48 24.02
N ALA A 292 -15.60 6.01 23.28
CA ALA A 292 -15.42 7.29 22.60
C ALA A 292 -15.02 8.38 23.59
N GLU A 293 -15.47 8.24 24.82
CA GLU A 293 -15.16 9.20 25.86
C GLU A 293 -13.65 9.24 26.12
N LYS A 294 -13.01 8.09 26.02
CA LYS A 294 -11.57 7.99 26.23
C LYS A 294 -10.82 8.45 24.98
N VAL A 295 -11.37 8.10 23.82
CA VAL A 295 -10.79 8.49 22.54
C VAL A 295 -10.73 10.01 22.43
N ALA A 296 -11.84 10.67 22.76
CA ALA A 296 -11.90 12.13 22.72
C ALA A 296 -10.86 12.73 23.63
N ARG A 297 -10.52 12.02 24.70
CA ARG A 297 -9.52 12.53 25.64
C ARG A 297 -8.14 12.58 24.98
N VAL A 298 -7.82 11.52 24.24
CA VAL A 298 -6.54 11.44 23.53
C VAL A 298 -6.46 12.55 22.49
N LYS A 299 -7.51 12.67 21.68
CA LYS A 299 -7.57 13.69 20.64
C LYS A 299 -7.38 15.06 21.27
N ALA A 300 -7.98 15.26 22.44
CA ALA A 300 -7.87 16.51 23.16
C ALA A 300 -6.41 16.76 23.53
N LEU A 301 -5.70 15.72 23.95
CA LEU A 301 -4.30 15.86 24.32
C LEU A 301 -3.43 16.21 23.12
N TYR A 302 -3.82 15.71 21.94
CA TYR A 302 -3.07 15.98 20.71
C TYR A 302 -3.13 17.45 20.33
N GLU A 303 -4.34 17.99 20.26
CA GLU A 303 -4.54 19.38 19.91
C GLU A 303 -3.77 20.28 20.85
N GLU A 304 -3.89 20.02 22.15
CA GLU A 304 -3.18 20.81 23.13
C GLU A 304 -1.67 20.83 22.89
N LEU A 305 -1.13 19.75 22.32
CA LEU A 305 0.29 19.69 22.03
C LEU A 305 0.58 20.33 20.68
N ASP A 306 -0.46 20.87 20.06
CA ASP A 306 -0.36 21.52 18.75
C ASP A 306 0.17 20.60 17.66
N LEU A 307 -0.19 19.32 17.72
CA LEU A 307 0.27 18.38 16.72
C LEU A 307 -0.22 18.78 15.32
N PRO A 308 -1.49 19.22 15.22
CA PRO A 308 -2.02 19.62 13.91
C PRO A 308 -1.14 20.71 13.27
N ALA A 309 -0.52 21.51 14.12
CA ALA A 309 0.34 22.58 13.63
C ALA A 309 1.71 21.99 13.31
N VAL A 310 2.08 20.95 14.07
CA VAL A 310 3.36 20.27 13.86
C VAL A 310 3.32 19.54 12.52
N PHE A 311 2.19 18.90 12.24
CA PHE A 311 2.01 18.19 10.99
C PHE A 311 2.05 19.17 9.82
N LEU A 312 1.40 20.31 10.00
CA LEU A 312 1.37 21.33 8.96
C LEU A 312 2.78 21.77 8.61
N GLN A 313 3.60 21.96 9.64
CA GLN A 313 4.99 22.37 9.47
C GLN A 313 5.77 21.28 8.75
N TYR A 314 5.54 20.03 9.17
CA TYR A 314 6.23 18.88 8.59
C TYR A 314 5.84 18.67 7.11
N GLU A 315 4.57 18.90 6.81
CA GLU A 315 4.08 18.75 5.46
C GLU A 315 4.76 19.71 4.47
N GLU A 316 4.98 20.95 4.91
CA GLU A 316 5.65 21.96 4.08
C GLU A 316 7.12 21.61 3.96
N ASP A 317 7.75 21.21 5.06
CA ASP A 317 9.16 20.86 4.98
C ASP A 317 9.34 19.60 4.14
N SER A 318 8.38 18.69 4.27
CA SER A 318 8.40 17.41 3.55
C SER A 318 8.30 17.66 2.04
N TYR A 319 7.39 18.54 1.65
CA TYR A 319 7.19 18.85 0.24
C TYR A 319 8.47 19.44 -0.36
N SER A 320 9.08 20.38 0.36
CA SER A 320 10.31 21.00 -0.12
C SER A 320 11.36 19.95 -0.33
N HIS A 321 11.50 19.06 0.66
CA HIS A 321 12.51 18.01 0.59
C HIS A 321 12.27 17.09 -0.59
N ILE A 322 11.02 16.80 -0.90
CA ILE A 322 10.70 15.92 -2.02
C ILE A 322 11.07 16.59 -3.35
N MET A 323 10.76 17.89 -3.47
CA MET A 323 11.09 18.59 -4.70
C MET A 323 12.61 18.59 -4.90
N ALA A 324 13.37 18.79 -3.82
CA ALA A 324 14.83 18.76 -3.91
C ALA A 324 15.30 17.37 -4.35
N LEU A 325 14.69 16.33 -3.80
CA LEU A 325 15.07 14.96 -4.16
C LEU A 325 14.80 14.70 -5.63
N ILE A 326 13.64 15.17 -6.08
CA ILE A 326 13.26 15.01 -7.47
C ILE A 326 14.23 15.76 -8.36
N GLU A 327 14.51 17.02 -8.01
CA GLU A 327 15.40 17.83 -8.80
C GLU A 327 16.80 17.22 -8.83
N GLN A 328 17.14 16.46 -7.81
CA GLN A 328 18.46 15.86 -7.74
C GLN A 328 18.58 14.42 -8.22
N TYR A 329 17.56 13.61 -7.99
CA TYR A 329 17.61 12.19 -8.37
C TYR A 329 16.70 11.70 -9.49
N ALA A 330 15.77 12.54 -9.95
CA ALA A 330 14.86 12.16 -11.02
C ALA A 330 15.60 11.74 -12.28
N ALA A 331 16.48 12.60 -12.80
CA ALA A 331 17.20 12.29 -14.03
C ALA A 331 17.94 10.96 -13.95
N PRO A 332 18.02 10.24 -15.07
CA PRO A 332 17.50 10.54 -16.41
C PRO A 332 16.00 10.32 -16.61
N LEU A 333 15.27 10.05 -15.54
CA LEU A 333 13.84 9.83 -15.67
C LEU A 333 13.11 11.17 -15.75
N PRO A 334 11.93 11.18 -16.39
CA PRO A 334 11.08 12.35 -16.56
C PRO A 334 10.60 12.81 -15.17
N PRO A 335 10.94 14.04 -14.74
CA PRO A 335 10.49 14.49 -13.42
C PRO A 335 9.00 14.32 -13.22
N ALA A 336 8.23 14.45 -14.30
CA ALA A 336 6.80 14.31 -14.23
C ALA A 336 6.39 13.01 -13.53
N VAL A 337 7.11 11.92 -13.81
CA VAL A 337 6.75 10.65 -13.19
C VAL A 337 6.58 10.79 -11.67
N PHE A 338 7.51 11.49 -11.05
CA PHE A 338 7.50 11.72 -9.61
C PHE A 338 6.60 12.88 -9.20
N LEU A 339 6.60 13.93 -10.02
CA LEU A 339 5.78 15.11 -9.73
C LEU A 339 4.31 14.74 -9.77
N GLY A 340 3.94 13.92 -10.73
CA GLY A 340 2.54 13.51 -10.85
C GLY A 340 2.11 12.79 -9.58
N LEU A 341 2.91 11.84 -9.12
CA LEU A 341 2.56 11.10 -7.92
C LEU A 341 2.52 12.00 -6.68
N ALA A 342 3.54 12.85 -6.54
CA ALA A 342 3.61 13.78 -5.41
C ALA A 342 2.37 14.66 -5.29
N ARG A 343 1.99 15.28 -6.40
CA ARG A 343 0.83 16.14 -6.43
C ARG A 343 -0.40 15.41 -5.94
N LYS A 344 -0.48 14.13 -6.28
CA LYS A 344 -1.61 13.30 -5.89
C LYS A 344 -1.63 13.04 -4.37
N ILE A 345 -0.45 12.80 -3.79
CA ILE A 345 -0.34 12.53 -2.36
C ILE A 345 -0.56 13.76 -1.46
N TYR A 346 0.10 14.86 -1.78
CA TYR A 346 -0.03 16.07 -0.99
C TYR A 346 -1.37 16.77 -1.13
N LYS A 347 -2.44 16.07 -0.73
CA LYS A 347 -3.79 16.62 -0.80
C LYS A 347 -4.21 16.84 -2.26
#